data_7FN3
#
_entry.id   7FN3
#
_cell.length_a   88.838
_cell.length_b   81.979
_cell.length_c   94.056
_cell.angle_alpha   90
_cell.angle_beta   108.39
_cell.angle_gamma   90
#
_symmetry.space_group_name_H-M   'C 1 2 1'
#
loop_
_entity.id
_entity.type
_entity.pdbx_description
1 polymer 'Pre-mRNA-splicing factor 8'
2 polymer 'A1 cistron-splicing factor AAR2'
3 non-polymer '(3-ethoxyphenyl)boronic acid'
4 water water
#
loop_
_entity_poly.entity_id
_entity_poly.type
_entity_poly.pdbx_seq_one_letter_code
_entity_poly.pdbx_strand_id
1 'polypeptide(L)'
;GAMNSSNYAELFNNDIKLFVDDTNVYRVTVHKTFEGNVATKAINGCIFTLNPKTGHLFLKIIHTSVWAGQKRLSQLAKWK
TAEEVSALVRSLPKEEQPKQIIVTRKAMLDPLEVHMLDFPNIAIRPTELRLPFSAAMSIDKLSDVVMKATEPQMVLFNIY
DDWLDRISSYTAFSRLTLLLRALKTNEESAKMILLSDPTITIKSYHLWPSFTDEQWITIESQMRDLILTEYGRKYNVNIS
ALTQTEIKDIILGQNIKA
;
A
2 'polypeptide(L)'
;GAMAMNTVPFTSAPIEVTIGIDQYSFNVKENQPFHGIKDIPIGHVHVIHFQHADNSSMRYGYWFDCRMGNFYIQYDPKDG
LYKMMEERDGAKFENIVHNFKERQMMVSYPKIDEDDTWYNLTEFVQMDKIRKIVRKDENQFSYVDSSMTTVQENELSSSS
SDPAHSLNYTVINFKSREAIRPGHEMEDFLDKSYYLNTVMLQGIFKNSSNYFGELQFAFLNAMFFGNYGSSLQWHAMIEL
ICSSATVPKHMLDKLDEILYYQIKTLPEQYSDILLNERVWNICLYSSFQKNSLHNTEKIMENKYPELL
;
B
#
loop_
_chem_comp.id
_chem_comp.type
_chem_comp.name
_chem_comp.formula
VP8 non-polymer '(3-ethoxyphenyl)boronic acid' 'C8 H11 B O3'
#
# COMPACT_ATOMS: atom_id res chain seq x y z
N GLY A 1 -14.13 7.41 5.16
CA GLY A 1 -13.08 7.81 4.24
C GLY A 1 -12.76 9.29 4.29
N ALA A 2 -12.93 9.97 3.15
CA ALA A 2 -12.62 11.39 3.06
C ALA A 2 -13.75 12.24 3.64
N MET A 3 -13.40 13.45 4.04
CA MET A 3 -14.30 14.38 4.68
C MET A 3 -14.62 15.51 3.71
N ASN A 4 -15.91 15.78 3.51
CA ASN A 4 -16.36 16.72 2.48
C ASN A 4 -17.62 17.45 2.97
N SER A 5 -18.27 18.18 2.06
CA SER A 5 -19.46 18.95 2.39
C SER A 5 -20.65 18.05 2.74
N SER A 6 -20.67 16.81 2.27
CA SER A 6 -21.80 15.93 2.55
C SER A 6 -21.83 15.52 4.01
N ASN A 7 -20.65 15.27 4.60
CA ASN A 7 -20.57 14.83 6.00
C ASN A 7 -19.90 15.89 6.85
N TYR A 8 -20.40 17.13 6.77
CA TYR A 8 -19.77 18.29 7.40
C TYR A 8 -20.22 18.48 8.85
N ALA A 9 -21.48 18.20 9.16
CA ALA A 9 -21.92 18.26 10.54
C ALA A 9 -21.23 17.22 11.40
N GLU A 10 -20.50 16.25 10.80
CA GLU A 10 -19.83 15.27 11.61
C GLU A 10 -18.77 15.95 12.46
N LEU A 11 -18.23 17.06 11.97
CA LEU A 11 -17.19 17.77 12.71
C LEU A 11 -17.66 18.20 14.09
N PHE A 12 -18.95 18.39 14.27
CA PHE A 12 -19.46 18.99 15.49
C PHE A 12 -20.24 17.99 16.35
N ASN A 13 -20.15 16.70 16.04
CA ASN A 13 -20.74 15.69 16.90
C ASN A 13 -19.81 15.47 18.09
N ASN A 14 -20.09 14.43 18.88
CA ASN A 14 -19.40 14.22 20.14
C ASN A 14 -18.28 13.17 20.09
N ASP A 15 -17.87 12.75 18.89
CA ASP A 15 -16.66 11.95 18.72
C ASP A 15 -15.50 12.92 18.69
N ILE A 16 -14.53 12.77 19.60
CA ILE A 16 -13.38 13.67 19.58
C ILE A 16 -12.66 13.53 18.25
N LYS A 17 -12.36 14.66 17.61
CA LYS A 17 -11.56 14.65 16.39
C LYS A 17 -10.66 15.88 16.32
N LEU A 18 -9.59 15.71 15.56
CA LEU A 18 -8.60 16.76 15.33
C LEU A 18 -8.33 16.93 13.85
N PHE A 19 -8.24 18.18 13.43
CA PHE A 19 -7.64 18.53 12.16
C PHE A 19 -6.15 18.71 12.38
N VAL A 20 -5.34 18.24 11.44
CA VAL A 20 -3.91 18.50 11.41
C VAL A 20 -3.55 19.19 10.09
N ASP A 21 -2.97 20.37 10.19
CA ASP A 21 -2.45 21.10 9.02
C ASP A 21 -0.94 21.27 9.14
N ASP A 22 -0.22 20.80 8.13
CA ASP A 22 1.25 20.85 8.14
C ASP A 22 1.83 21.96 7.26
N THR A 23 0.98 22.82 6.70
N THR A 23 1.01 22.87 6.71
CA THR A 23 1.49 23.78 5.72
CA THR A 23 1.48 23.81 5.69
C THR A 23 2.65 24.58 6.28
C THR A 23 2.44 24.86 6.21
N ASN A 24 2.54 25.02 7.54
CA ASN A 24 3.47 25.98 8.15
C ASN A 24 4.58 25.30 8.94
N VAL A 25 4.85 24.02 8.70
CA VAL A 25 5.86 23.32 9.48
C VAL A 25 7.24 23.69 9.01
N TYR A 26 7.48 23.55 7.70
CA TYR A 26 8.76 23.87 7.08
C TYR A 26 8.59 25.16 6.28
N ARG A 27 9.21 26.25 6.76
CA ARG A 27 9.03 27.57 6.16
C ARG A 27 10.41 28.10 5.83
N VAL A 28 10.56 28.68 4.64
CA VAL A 28 11.86 29.19 4.19
C VAL A 28 11.70 30.56 3.54
N THR A 29 12.80 31.30 3.53
CA THR A 29 13.02 32.42 2.63
C THR A 29 14.02 31.96 1.58
N VAL A 30 13.77 32.30 0.31
CA VAL A 30 14.69 31.99 -0.79
C VAL A 30 15.47 33.26 -1.09
N HIS A 31 16.79 33.14 -1.23
CA HIS A 31 17.60 34.32 -1.45
C HIS A 31 18.82 33.97 -2.29
N LYS A 32 19.48 35.00 -2.83
CA LYS A 32 20.71 34.84 -3.62
C LYS A 32 21.96 34.74 -2.75
N THR A 33 22.86 33.84 -3.13
CA THR A 33 24.16 33.74 -2.48
C THR A 33 25.15 34.73 -3.10
N PHE A 34 26.24 34.97 -2.39
CA PHE A 34 27.23 35.92 -2.90
C PHE A 34 27.66 35.55 -4.30
N GLU A 35 27.76 34.26 -4.59
CA GLU A 35 28.13 33.78 -5.93
C GLU A 35 26.96 33.79 -6.91
N GLY A 36 25.82 34.36 -6.53
CA GLY A 36 24.69 34.41 -7.46
C GLY A 36 23.91 33.12 -7.57
N ASN A 37 24.18 32.14 -6.72
CA ASN A 37 23.30 30.99 -6.63
C ASN A 37 22.13 31.35 -5.72
N VAL A 38 21.17 30.44 -5.64
CA VAL A 38 20.03 30.62 -4.76
C VAL A 38 20.18 29.65 -3.59
N ALA A 39 19.77 30.10 -2.41
CA ALA A 39 19.83 29.31 -1.19
C ALA A 39 18.55 29.55 -0.40
N THR A 40 18.18 28.61 0.49
CA THR A 40 17.06 28.84 1.40
C THR A 40 17.60 29.05 2.81
N LYS A 41 16.84 29.80 3.60
CA LYS A 41 17.04 29.90 5.04
C LYS A 41 15.71 29.57 5.71
N ALA A 42 15.70 28.54 6.56
CA ALA A 42 14.47 28.19 7.27
C ALA A 42 14.16 29.21 8.37
N ILE A 43 12.88 29.35 8.68
CA ILE A 43 12.46 30.10 9.86
C ILE A 43 11.53 29.19 10.66
N ASN A 44 11.23 29.60 11.88
CA ASN A 44 10.44 28.74 12.74
C ASN A 44 9.08 28.49 12.09
N GLY A 45 8.58 27.31 12.35
CA GLY A 45 7.25 26.91 11.89
C GLY A 45 6.38 26.35 12.99
N CYS A 46 5.25 25.75 12.59
CA CYS A 46 4.34 25.21 13.57
C CYS A 46 3.46 24.17 12.91
N ILE A 47 3.04 23.20 13.73
CA ILE A 47 1.94 22.30 13.40
C ILE A 47 0.67 22.91 13.97
N PHE A 48 -0.40 22.88 13.16
CA PHE A 48 -1.70 23.42 13.54
C PHE A 48 -2.64 22.24 13.71
N THR A 49 -2.92 21.88 14.96
CA THR A 49 -3.73 20.74 15.34
C THR A 49 -4.92 21.29 16.10
N LEU A 50 -6.11 21.11 15.54
CA LEU A 50 -7.30 21.81 16.04
C LEU A 50 -8.47 20.87 16.29
N ASN A 51 -9.09 20.98 17.48
CA ASN A 51 -10.35 20.28 17.75
C ASN A 51 -11.45 21.22 17.28
N PRO A 52 -12.20 20.91 16.20
CA PRO A 52 -13.17 21.87 15.68
C PRO A 52 -14.40 22.02 16.56
N LYS A 53 -14.63 21.10 17.49
CA LYS A 53 -15.81 21.19 18.34
C LYS A 53 -15.56 22.11 19.52
N THR A 54 -14.35 22.07 20.09
CA THR A 54 -14.02 22.82 21.29
C THR A 54 -13.22 24.07 21.02
N GLY A 55 -12.56 24.15 19.88
CA GLY A 55 -11.67 25.25 19.59
C GLY A 55 -10.27 25.07 20.12
N HIS A 56 -10.00 23.99 20.85
CA HIS A 56 -8.65 23.77 21.41
C HIS A 56 -7.66 23.60 20.27
N LEU A 57 -6.57 24.36 20.33
CA LEU A 57 -5.53 24.42 19.32
C LEU A 57 -4.24 24.01 20.00
N PHE A 58 -3.65 22.93 19.55
CA PHE A 58 -2.36 22.45 20.05
C PHE A 58 -1.34 22.95 19.05
N LEU A 59 -0.64 24.05 19.35
CA LEU A 59 0.28 24.64 18.40
C LEU A 59 1.67 24.14 18.76
N LYS A 60 2.19 23.20 18.00
CA LYS A 60 3.56 22.72 18.23
C LYS A 60 4.52 23.56 17.41
N ILE A 61 5.38 24.30 18.09
CA ILE A 61 6.32 25.17 17.42
C ILE A 61 7.51 24.35 16.97
N ILE A 62 7.86 24.50 15.70
CA ILE A 62 8.92 23.76 15.03
C ILE A 62 10.10 24.72 14.90
N HIS A 63 11.11 24.52 15.71
CA HIS A 63 12.27 25.39 15.74
C HIS A 63 13.24 24.98 14.62
N THR A 64 13.91 25.98 14.01
CA THR A 64 14.73 25.70 12.83
C THR A 64 15.84 24.69 13.11
N SER A 65 16.22 24.51 14.38
CA SER A 65 17.28 23.56 14.70
C SER A 65 16.89 22.14 14.31
N VAL A 66 15.60 21.83 14.23
N VAL A 66 15.59 21.85 14.25
CA VAL A 66 15.23 20.48 13.90
CA VAL A 66 15.12 20.53 13.84
C VAL A 66 15.65 20.11 12.47
C VAL A 66 15.69 20.13 12.49
N TRP A 67 15.91 21.11 11.61
CA TRP A 67 16.31 20.81 10.24
C TRP A 67 17.82 20.72 10.07
N ALA A 68 18.57 21.01 11.11
CA ALA A 68 20.03 21.11 10.95
C ALA A 68 20.62 19.77 10.52
N GLY A 69 21.35 19.79 9.41
CA GLY A 69 22.05 18.61 8.92
C GLY A 69 21.15 17.59 8.28
N GLN A 70 19.89 17.92 8.08
CA GLN A 70 18.94 17.00 7.48
C GLN A 70 18.77 17.27 5.99
N LYS A 71 18.40 16.22 5.27
CA LYS A 71 18.20 16.26 3.84
C LYS A 71 16.72 16.07 3.55
N ARG A 72 16.31 16.52 2.35
CA ARG A 72 14.95 16.31 1.82
C ARG A 72 13.91 16.87 2.80
N LEU A 73 14.09 18.14 3.13
CA LEU A 73 13.38 18.71 4.27
C LEU A 73 11.87 18.72 4.03
N SER A 74 11.43 18.93 2.80
CA SER A 74 9.98 18.94 2.60
C SER A 74 9.37 17.57 2.90
N GLN A 75 10.10 16.48 2.63
CA GLN A 75 9.58 15.16 2.99
C GLN A 75 9.75 14.89 4.48
N LEU A 76 10.87 15.30 5.07
CA LEU A 76 11.03 15.11 6.50
C LEU A 76 9.94 15.81 7.28
N ALA A 77 9.54 16.98 6.80
CA ALA A 77 8.56 17.80 7.50
C ALA A 77 7.25 17.06 7.70
N LYS A 78 6.84 16.27 6.70
CA LYS A 78 5.61 15.49 6.87
C LYS A 78 5.77 14.41 7.94
N TRP A 79 6.92 13.71 7.96
CA TRP A 79 7.18 12.70 8.98
C TRP A 79 7.37 13.31 10.38
N LYS A 80 8.03 14.47 10.48
CA LYS A 80 8.16 15.19 11.76
C LYS A 80 6.79 15.58 12.30
N THR A 81 5.94 16.13 11.42
CA THR A 81 4.54 16.41 11.76
C THR A 81 3.85 15.18 12.32
N ALA A 82 3.91 14.06 11.58
CA ALA A 82 3.26 12.83 12.05
C ALA A 82 3.85 12.37 13.39
N GLU A 83 5.16 12.47 13.57
CA GLU A 83 5.78 12.10 14.84
C GLU A 83 5.22 12.93 16.00
N GLU A 84 5.12 14.24 15.80
CA GLU A 84 4.63 15.13 16.85
C GLU A 84 3.14 14.91 17.14
N VAL A 85 2.32 14.67 16.11
CA VAL A 85 0.90 14.36 16.35
C VAL A 85 0.77 13.08 17.17
N SER A 86 1.56 12.06 16.83
N SER A 86 1.57 12.09 16.81
CA SER A 86 1.45 10.82 17.59
CA SER A 86 1.55 10.81 17.52
C SER A 86 1.98 10.98 19.01
C SER A 86 1.97 11.00 18.97
N ALA A 87 3.03 11.80 19.21
CA ALA A 87 3.44 12.13 20.57
C ALA A 87 2.36 12.85 21.37
N LEU A 88 1.62 13.75 20.71
CA LEU A 88 0.52 14.47 21.38
C LEU A 88 -0.56 13.50 21.80
N VAL A 89 -0.97 12.62 20.88
CA VAL A 89 -2.00 11.68 21.20
C VAL A 89 -1.57 10.82 22.39
N ARG A 90 -0.34 10.32 22.35
CA ARG A 90 0.14 9.47 23.44
C ARG A 90 0.15 10.22 24.76
N SER A 91 0.33 11.55 24.71
CA SER A 91 0.37 12.35 25.93
C SER A 91 -0.99 12.60 26.54
N LEU A 92 -2.06 12.36 25.80
CA LEU A 92 -3.39 12.71 26.29
C LEU A 92 -3.98 11.54 27.03
N PRO A 93 -4.76 11.76 28.10
CA PRO A 93 -5.49 10.64 28.70
C PRO A 93 -6.35 9.95 27.65
N LYS A 94 -6.52 8.64 27.82
CA LYS A 94 -7.25 7.85 26.84
C LYS A 94 -8.59 8.48 26.52
N GLU A 95 -9.28 9.03 27.52
CA GLU A 95 -10.60 9.59 27.28
C GLU A 95 -10.53 10.91 26.53
N GLU A 96 -9.34 11.49 26.32
CA GLU A 96 -9.19 12.70 25.51
C GLU A 96 -8.59 12.42 24.15
N GLN A 97 -8.17 11.20 23.88
CA GLN A 97 -7.58 10.92 22.59
C GLN A 97 -8.65 10.98 21.50
N PRO A 98 -8.29 11.47 20.32
CA PRO A 98 -9.28 11.58 19.24
C PRO A 98 -9.66 10.21 18.70
N LYS A 99 -10.89 10.13 18.19
N LYS A 99 -10.89 10.13 18.19
CA LYS A 99 -11.30 8.95 17.44
CA LYS A 99 -11.33 8.96 17.44
C LYS A 99 -11.00 9.04 15.95
C LYS A 99 -10.99 9.04 15.96
N GLN A 100 -10.79 10.25 15.43
CA GLN A 100 -10.42 10.48 14.05
C GLN A 100 -9.43 11.63 14.00
N ILE A 101 -8.50 11.55 13.06
CA ILE A 101 -7.62 12.69 12.78
C ILE A 101 -7.75 12.98 11.29
N ILE A 102 -8.14 14.20 10.95
CA ILE A 102 -8.34 14.58 9.55
C ILE A 102 -7.17 15.45 9.11
N VAL A 103 -6.43 15.02 8.06
CA VAL A 103 -5.28 15.80 7.60
C VAL A 103 -5.76 16.71 6.47
N THR A 104 -5.27 17.93 6.46
CA THR A 104 -5.72 18.83 5.40
C THR A 104 -5.03 18.60 4.07
N ARG A 105 -3.93 17.85 4.03
CA ARG A 105 -3.22 17.53 2.79
C ARG A 105 -3.01 16.03 2.70
N LYS A 106 -3.31 15.45 1.54
CA LYS A 106 -3.29 14.00 1.40
C LYS A 106 -1.88 13.41 1.56
N ALA A 107 -0.85 14.20 1.30
CA ALA A 107 0.50 13.70 1.53
C ALA A 107 0.80 13.40 3.01
N MET A 108 -0.04 13.88 3.95
CA MET A 108 0.15 13.52 5.35
C MET A 108 -0.45 12.17 5.69
N LEU A 109 -1.21 11.54 4.78
CA LEU A 109 -1.93 10.34 5.19
C LEU A 109 -0.97 9.21 5.56
N ASP A 110 -0.03 8.87 4.68
CA ASP A 110 0.80 7.70 4.98
C ASP A 110 1.73 7.98 6.16
N PRO A 111 2.35 9.16 6.24
CA PRO A 111 3.19 9.43 7.43
C PRO A 111 2.40 9.27 8.72
N LEU A 112 1.19 9.84 8.79
CA LEU A 112 0.45 9.74 10.04
C LEU A 112 -0.01 8.31 10.28
N GLU A 113 -0.49 7.62 9.23
CA GLU A 113 -0.93 6.24 9.44
C GLU A 113 0.20 5.39 10.02
N VAL A 114 1.41 5.50 9.44
CA VAL A 114 2.55 4.73 9.94
C VAL A 114 2.89 5.07 11.39
N HIS A 115 2.93 6.36 11.74
CA HIS A 115 3.23 6.74 13.11
C HIS A 115 2.15 6.30 14.09
N MET A 116 0.95 6.03 13.60
CA MET A 116 -0.20 5.75 14.46
C MET A 116 -0.60 4.29 14.39
N LEU A 117 0.29 3.40 13.92
CA LEU A 117 -0.07 1.99 13.82
C LEU A 117 -0.47 1.40 15.16
N ASP A 118 0.14 1.87 16.24
CA ASP A 118 -0.20 1.48 17.61
C ASP A 118 -1.62 1.86 18.02
N PHE A 119 -2.32 2.69 17.24
CA PHE A 119 -3.67 3.15 17.56
C PHE A 119 -4.59 2.72 16.42
N PRO A 120 -4.78 1.41 16.25
CA PRO A 120 -5.56 0.93 15.10
C PRO A 120 -6.98 1.46 15.06
N ASN A 121 -7.53 1.84 16.20
CA ASN A 121 -8.90 2.33 16.29
C ASN A 121 -9.05 3.82 16.00
N ILE A 122 -7.97 4.56 15.77
CA ILE A 122 -8.04 5.97 15.40
C ILE A 122 -8.02 6.08 13.89
N ALA A 123 -9.06 6.65 13.31
CA ALA A 123 -9.20 6.76 11.87
C ALA A 123 -8.43 7.95 11.34
N ILE A 124 -7.62 7.75 10.32
CA ILE A 124 -6.88 8.83 9.67
C ILE A 124 -7.52 9.12 8.33
N ARG A 125 -7.99 10.34 8.15
CA ARG A 125 -8.84 10.66 7.01
C ARG A 125 -8.32 11.88 6.27
N PRO A 126 -8.48 11.92 4.95
CA PRO A 126 -8.31 13.18 4.24
C PRO A 126 -9.59 13.99 4.21
N THR A 127 -9.56 15.16 3.56
CA THR A 127 -10.74 15.98 3.38
C THR A 127 -10.76 16.60 1.99
N GLU A 128 -11.97 16.71 1.43
N GLU A 128 -11.95 16.72 1.40
CA GLU A 128 -12.18 17.43 0.18
CA GLU A 128 -12.04 17.47 0.16
C GLU A 128 -12.30 18.93 0.40
C GLU A 128 -12.30 18.95 0.39
N LEU A 129 -12.50 19.38 1.64
CA LEU A 129 -12.54 20.80 1.93
C LEU A 129 -11.14 21.40 1.76
N ARG A 130 -11.08 22.58 1.16
CA ARG A 130 -9.85 23.35 1.04
C ARG A 130 -9.91 24.37 2.19
N LEU A 131 -9.38 23.95 3.35
CA LEU A 131 -9.50 24.77 4.55
C LEU A 131 -8.34 25.75 4.66
N PRO A 132 -8.60 26.94 5.17
CA PRO A 132 -7.61 28.02 5.06
C PRO A 132 -6.65 28.06 6.25
N PHE A 133 -6.33 26.90 6.84
CA PHE A 133 -5.53 26.93 8.06
C PHE A 133 -4.11 27.42 7.82
N SER A 134 -3.63 27.43 6.57
CA SER A 134 -2.32 28.03 6.33
C SER A 134 -2.24 29.46 6.86
N ALA A 135 -3.37 30.15 6.90
CA ALA A 135 -3.36 31.54 7.33
C ALA A 135 -3.27 31.72 8.85
N ALA A 136 -3.11 30.63 9.60
CA ALA A 136 -2.97 30.75 11.04
C ALA A 136 -1.83 31.68 11.40
N MET A 137 -0.81 31.78 10.55
CA MET A 137 0.28 32.65 10.93
C MET A 137 -0.05 34.12 10.64
N SER A 138 -1.23 34.44 10.09
CA SER A 138 -1.68 35.83 10.03
C SER A 138 -2.43 36.26 11.28
N ILE A 139 -2.57 35.38 12.28
CA ILE A 139 -3.07 35.77 13.59
C ILE A 139 -1.87 36.22 14.40
N ASP A 140 -1.84 37.50 14.79
CA ASP A 140 -0.59 38.08 15.29
C ASP A 140 -0.05 37.33 16.51
N LYS A 141 -0.92 36.94 17.45
CA LYS A 141 -0.42 36.30 18.66
C LYS A 141 0.17 34.92 18.39
N LEU A 142 -0.33 34.19 17.38
CA LEU A 142 0.24 32.89 17.05
C LEU A 142 1.56 33.07 16.32
N SER A 143 1.60 33.99 15.37
CA SER A 143 2.85 34.28 14.67
C SER A 143 3.92 34.73 15.65
N ASP A 144 3.54 35.53 16.67
CA ASP A 144 4.53 36.05 17.62
C ASP A 144 5.16 34.93 18.43
N VAL A 145 4.35 33.97 18.90
CA VAL A 145 4.96 32.92 19.72
C VAL A 145 5.83 32.04 18.86
N VAL A 146 5.44 31.82 17.61
CA VAL A 146 6.29 30.97 16.75
C VAL A 146 7.63 31.63 16.51
N MET A 147 7.63 32.93 16.17
N MET A 147 7.64 32.93 16.16
N MET A 147 7.65 32.93 16.17
CA MET A 147 8.85 33.63 15.76
CA MET A 147 8.88 33.59 15.77
CA MET A 147 8.90 33.57 15.77
C MET A 147 9.80 33.86 16.93
C MET A 147 9.82 33.80 16.95
C MET A 147 9.82 33.84 16.95
N LYS A 148 9.28 33.98 18.15
CA LYS A 148 10.11 34.21 19.33
C LYS A 148 10.70 32.93 19.92
N ALA A 149 10.21 31.76 19.51
CA ALA A 149 10.66 30.52 20.12
C ALA A 149 12.14 30.29 19.81
N THR A 150 12.87 29.91 20.86
CA THR A 150 14.26 29.55 20.78
C THR A 150 14.48 28.05 20.91
N GLU A 151 13.42 27.28 21.11
CA GLU A 151 13.53 25.82 21.22
C GLU A 151 12.17 25.24 20.90
N PRO A 152 12.11 23.94 20.60
CA PRO A 152 10.80 23.31 20.43
C PRO A 152 9.89 23.56 21.62
N GLN A 153 8.60 23.78 21.34
CA GLN A 153 7.69 24.17 22.39
C GLN A 153 6.28 23.89 21.88
N MET A 154 5.40 23.44 22.78
CA MET A 154 3.97 23.33 22.48
C MET A 154 3.25 24.42 23.26
N VAL A 155 2.33 25.11 22.58
CA VAL A 155 1.49 26.15 23.20
C VAL A 155 0.03 25.86 22.90
N LEU A 156 -0.82 26.00 23.92
CA LEU A 156 -2.25 25.68 23.79
C LEU A 156 -3.07 26.96 23.72
N PHE A 157 -4.01 26.99 22.78
CA PHE A 157 -4.85 28.16 22.61
C PHE A 157 -6.28 27.66 22.49
N ASN A 158 -7.24 28.56 22.69
CA ASN A 158 -8.60 28.32 22.19
C ASN A 158 -8.80 29.28 21.04
N ILE A 159 -8.85 28.73 19.82
CA ILE A 159 -8.95 29.58 18.64
C ILE A 159 -10.32 30.25 18.51
N TYR A 160 -11.31 29.86 19.34
CA TYR A 160 -12.63 30.49 19.33
C TYR A 160 -12.80 31.55 20.43
N ASP A 161 -11.74 31.91 21.13
CA ASP A 161 -11.86 32.77 22.30
C ASP A 161 -13.04 32.32 23.16
N ASP A 162 -14.01 33.21 23.44
CA ASP A 162 -15.15 32.86 24.28
C ASP A 162 -16.39 32.66 23.46
N TRP A 163 -16.25 32.43 22.15
CA TRP A 163 -17.44 32.47 21.30
C TRP A 163 -18.45 31.41 21.67
N LEU A 164 -17.99 30.25 22.12
CA LEU A 164 -18.92 29.15 22.38
C LEU A 164 -19.90 29.48 23.52
N ASP A 165 -19.61 30.48 24.35
CA ASP A 165 -20.61 30.96 25.31
C ASP A 165 -21.88 31.43 24.62
N ARG A 166 -21.77 31.86 23.37
CA ARG A 166 -22.90 32.50 22.70
C ARG A 166 -23.34 31.82 21.41
N ILE A 167 -22.46 31.07 20.74
CA ILE A 167 -22.79 30.44 19.46
C ILE A 167 -22.41 28.96 19.50
N SER A 168 -22.93 28.21 18.53
CA SER A 168 -22.61 26.79 18.44
C SER A 168 -21.25 26.60 17.80
N SER A 169 -20.68 25.41 17.99
N SER A 169 -20.69 25.39 17.96
CA SER A 169 -19.42 25.07 17.33
CA SER A 169 -19.41 25.09 17.33
C SER A 169 -19.53 25.22 15.83
C SER A 169 -19.50 25.15 15.81
N TYR A 170 -20.65 24.75 15.23
CA TYR A 170 -20.77 24.89 13.81
C TYR A 170 -20.61 26.34 13.39
N THR A 171 -21.32 27.25 14.06
CA THR A 171 -21.21 28.66 13.73
C THR A 171 -19.81 29.20 14.04
N ALA A 172 -19.22 28.75 15.15
CA ALA A 172 -17.86 29.20 15.50
C ALA A 172 -16.85 28.77 14.44
N PHE A 173 -16.97 27.52 13.96
CA PHE A 173 -16.07 27.05 12.90
C PHE A 173 -16.30 27.80 11.62
N SER A 174 -17.57 28.05 11.24
CA SER A 174 -17.82 28.86 10.04
C SER A 174 -17.20 30.25 10.16
N ARG A 175 -17.27 30.86 11.35
CA ARG A 175 -16.65 32.17 11.52
C ARG A 175 -15.16 32.06 11.35
N LEU A 176 -14.57 31.08 12.00
CA LEU A 176 -13.12 30.94 11.94
C LEU A 176 -12.66 30.79 10.52
N THR A 177 -13.30 29.86 9.77
CA THR A 177 -12.87 29.62 8.41
C THR A 177 -13.11 30.84 7.53
N LEU A 178 -14.17 31.63 7.78
CA LEU A 178 -14.32 32.87 7.01
C LEU A 178 -13.21 33.88 7.34
N LEU A 179 -12.88 34.01 8.61
CA LEU A 179 -11.81 34.93 8.98
C LEU A 179 -10.49 34.48 8.37
N LEU A 180 -10.20 33.18 8.41
CA LEU A 180 -8.92 32.72 7.88
C LEU A 180 -8.88 32.80 6.36
N ARG A 181 -9.98 32.46 5.69
CA ARG A 181 -10.04 32.64 4.24
C ARG A 181 -9.75 34.07 3.85
N ALA A 182 -10.30 35.04 4.58
CA ALA A 182 -10.07 36.44 4.24
C ALA A 182 -8.61 36.82 4.47
N LEU A 183 -8.07 36.40 5.61
CA LEU A 183 -6.67 36.69 5.91
C LEU A 183 -5.76 36.07 4.85
N LYS A 184 -6.16 34.92 4.31
CA LYS A 184 -5.38 34.25 3.27
C LYS A 184 -5.50 34.97 1.93
N THR A 185 -6.66 35.57 1.64
N THR A 185 -6.64 35.58 1.66
CA THR A 185 -6.85 36.18 0.33
CA THR A 185 -6.84 36.18 0.34
C THR A 185 -6.27 37.60 0.29
C THR A 185 -6.27 37.61 0.29
N ASN A 186 -6.44 38.37 1.37
CA ASN A 186 -5.87 39.73 1.42
C ASN A 186 -5.64 40.05 2.90
N GLU A 187 -4.44 39.73 3.38
CA GLU A 187 -4.16 39.87 4.79
C GLU A 187 -4.33 41.30 5.25
N GLU A 188 -3.83 42.26 4.48
CA GLU A 188 -3.88 43.65 4.95
C GLU A 188 -5.31 44.13 5.08
N SER A 189 -6.14 43.87 4.05
CA SER A 189 -7.53 44.30 4.12
C SER A 189 -8.26 43.61 5.27
N ALA A 190 -8.02 42.31 5.43
CA ALA A 190 -8.62 41.57 6.54
C ALA A 190 -8.26 42.19 7.89
N LYS A 191 -6.98 42.50 8.09
CA LYS A 191 -6.56 43.04 9.37
C LYS A 191 -7.17 44.42 9.57
N MET A 192 -7.17 45.25 8.53
CA MET A 192 -7.83 46.54 8.62
CA MET A 192 -7.84 46.55 8.61
C MET A 192 -9.28 46.39 9.09
N ILE A 193 -10.03 45.44 8.51
CA ILE A 193 -11.39 45.22 8.96
C ILE A 193 -11.42 44.88 10.44
N LEU A 194 -10.52 43.99 10.87
CA LEU A 194 -10.59 43.46 12.22
C LEU A 194 -10.20 44.49 13.28
N LEU A 195 -9.30 45.42 12.95
CA LEU A 195 -8.75 46.33 13.95
C LEU A 195 -9.07 47.80 13.67
N SER A 196 -9.95 48.10 12.71
CA SER A 196 -10.19 49.48 12.34
C SER A 196 -10.65 50.32 13.53
N ASP A 197 -11.59 49.80 14.31
CA ASP A 197 -12.26 50.54 15.37
C ASP A 197 -11.49 50.44 16.68
N PRO A 198 -10.73 51.45 17.09
CA PRO A 198 -9.86 51.30 18.27
C PRO A 198 -10.63 51.07 19.56
N THR A 199 -11.94 51.26 19.59
CA THR A 199 -12.72 51.00 20.80
C THR A 199 -13.01 49.53 21.01
N ILE A 200 -12.81 48.68 20.00
CA ILE A 200 -12.96 47.23 20.12
C ILE A 200 -11.56 46.65 20.21
N THR A 201 -11.25 46.05 21.34
CA THR A 201 -9.91 45.56 21.59
C THR A 201 -9.89 44.04 21.71
N ILE A 202 -8.67 43.51 21.71
CA ILE A 202 -8.39 42.10 21.90
C ILE A 202 -7.92 41.92 23.32
N LYS A 203 -8.67 41.12 24.09
CA LYS A 203 -8.30 40.87 25.46
C LYS A 203 -6.95 40.16 25.48
N SER A 204 -6.23 40.38 26.58
CA SER A 204 -4.93 39.72 26.76
C SER A 204 -5.02 38.21 26.57
N TYR A 205 -6.13 37.60 26.97
CA TYR A 205 -6.27 36.15 26.94
C TYR A 205 -7.03 35.66 25.70
N HIS A 206 -7.15 36.49 24.67
CA HIS A 206 -7.88 36.18 23.45
C HIS A 206 -7.00 36.39 22.23
N LEU A 207 -7.48 35.87 21.10
CA LEU A 207 -6.81 36.03 19.83
C LEU A 207 -7.47 37.07 18.96
N TRP A 208 -8.78 37.21 19.07
CA TRP A 208 -9.58 38.06 18.21
C TRP A 208 -10.27 39.15 19.03
N PRO A 209 -10.72 40.22 18.39
CA PRO A 209 -11.35 41.31 19.13
C PRO A 209 -12.66 40.94 19.80
N SER A 210 -13.05 41.78 20.77
CA SER A 210 -14.22 41.52 21.61
C SER A 210 -15.48 42.12 20.97
N PHE A 211 -15.83 41.62 19.79
CA PHE A 211 -16.99 42.10 19.04
C PHE A 211 -18.29 41.66 19.70
N THR A 212 -19.27 42.57 19.77
CA THR A 212 -20.62 42.16 20.11
C THR A 212 -21.20 41.28 19.00
N ASP A 213 -22.33 40.63 19.30
CA ASP A 213 -23.01 39.82 18.30
C ASP A 213 -23.29 40.63 17.04
N GLU A 214 -23.83 41.84 17.20
CA GLU A 214 -24.12 42.70 16.05
C GLU A 214 -22.86 42.98 15.26
N GLN A 215 -21.80 43.37 15.96
CA GLN A 215 -20.56 43.71 15.30
C GLN A 215 -19.98 42.51 14.55
N TRP A 216 -20.13 41.31 15.10
CA TRP A 216 -19.64 40.13 14.39
C TRP A 216 -20.36 39.96 13.07
N ILE A 217 -21.67 40.24 13.06
CA ILE A 217 -22.41 40.15 11.80
C ILE A 217 -21.88 41.17 10.81
N THR A 218 -21.62 42.40 11.27
CA THR A 218 -21.01 43.41 10.41
C THR A 218 -19.64 42.93 9.92
N ILE A 219 -18.79 42.49 10.85
CA ILE A 219 -17.48 41.98 10.47
C ILE A 219 -17.62 40.84 9.46
N GLU A 220 -18.43 39.84 9.78
CA GLU A 220 -18.58 38.71 8.87
C GLU A 220 -19.00 39.17 7.47
N SER A 221 -19.92 40.13 7.40
N SER A 221 -19.94 40.12 7.38
CA SER A 221 -20.34 40.65 6.10
CA SER A 221 -20.33 40.63 6.08
C SER A 221 -19.19 41.35 5.38
C SER A 221 -19.15 41.32 5.38
N GLN A 222 -18.39 42.14 6.11
CA GLN A 222 -17.26 42.82 5.49
C GLN A 222 -16.20 41.82 4.99
N MET A 223 -16.03 40.70 5.69
CA MET A 223 -15.07 39.71 5.23
C MET A 223 -15.54 39.02 3.97
N ARG A 224 -16.85 38.81 3.83
N ARG A 224 -16.86 38.83 3.81
CA ARG A 224 -17.40 38.28 2.58
CA ARG A 224 -17.38 38.27 2.58
C ARG A 224 -17.15 39.24 1.43
C ARG A 224 -17.22 39.23 1.41
N ASP A 225 -17.46 40.52 1.62
CA ASP A 225 -17.19 41.54 0.61
CA ASP A 225 -17.19 41.52 0.59
C ASP A 225 -15.73 41.47 0.14
N LEU A 226 -14.78 41.39 1.09
CA LEU A 226 -13.36 41.35 0.73
C LEU A 226 -13.06 40.17 -0.17
N ILE A 227 -13.51 38.98 0.23
CA ILE A 227 -13.28 37.79 -0.54
C ILE A 227 -13.90 37.93 -1.93
N LEU A 228 -15.04 38.60 -2.01
CA LEU A 228 -15.67 38.86 -3.30
C LEU A 228 -14.86 39.86 -4.11
N THR A 229 -14.43 40.96 -3.47
CA THR A 229 -13.54 41.93 -4.10
C THR A 229 -12.34 41.25 -4.75
N GLU A 230 -11.53 40.57 -3.95
CA GLU A 230 -10.31 39.96 -4.48
C GLU A 230 -10.64 38.99 -5.60
N TYR A 231 -11.73 38.25 -5.45
CA TYR A 231 -12.15 37.38 -6.54
C TYR A 231 -12.45 38.19 -7.78
N GLY A 232 -12.94 39.42 -7.60
CA GLY A 232 -13.15 40.34 -8.69
C GLY A 232 -11.83 40.82 -9.25
N ARG A 233 -10.98 41.38 -8.39
CA ARG A 233 -9.68 41.88 -8.85
C ARG A 233 -8.86 40.77 -9.49
N LYS A 234 -8.94 39.55 -8.93
CA LYS A 234 -8.17 38.44 -9.48
C LYS A 234 -8.63 38.09 -10.89
N TYR A 235 -9.92 37.78 -11.03
CA TYR A 235 -10.47 37.28 -12.28
C TYR A 235 -11.01 38.38 -13.19
N ASN A 236 -11.05 39.63 -12.73
CA ASN A 236 -11.54 40.77 -13.52
C ASN A 236 -13.03 40.62 -13.83
N VAL A 237 -13.83 40.68 -12.77
CA VAL A 237 -15.28 40.52 -12.88
C VAL A 237 -16.00 41.77 -12.34
N MET B 5 12.74 -40.66 -16.59
CA MET B 5 11.43 -40.04 -17.01
C MET B 5 10.23 -40.72 -16.34
N ASN B 6 9.29 -39.92 -15.83
CA ASN B 6 8.14 -40.44 -15.08
C ASN B 6 6.85 -40.16 -15.84
N THR B 7 5.76 -40.69 -15.29
CA THR B 7 4.52 -40.81 -16.02
C THR B 7 3.37 -40.51 -15.06
N VAL B 8 2.38 -39.71 -15.54
CA VAL B 8 1.09 -39.36 -14.85
C VAL B 8 -0.01 -40.06 -15.65
N PRO B 9 -0.34 -41.29 -15.30
CA PRO B 9 -1.33 -41.96 -16.05
C PRO B 9 -2.73 -41.53 -15.55
N PHE B 10 -3.67 -41.66 -16.44
CA PHE B 10 -5.07 -41.33 -16.22
C PHE B 10 -5.79 -42.67 -15.99
N THR B 11 -7.01 -42.64 -15.45
CA THR B 11 -7.82 -43.86 -15.49
C THR B 11 -8.58 -43.67 -16.82
N SER B 12 -9.11 -42.53 -17.25
CA SER B 12 -9.68 -42.23 -18.61
C SER B 12 -9.98 -40.72 -18.72
N ALA B 13 -10.41 -40.13 -19.87
CA ALA B 13 -10.72 -38.69 -20.04
C ALA B 13 -12.20 -38.57 -20.41
N PRO B 14 -13.36 -38.78 -19.44
CA PRO B 14 -14.81 -38.81 -19.76
C PRO B 14 -15.41 -37.48 -20.18
N ILE B 15 -14.80 -36.34 -19.82
CA ILE B 15 -15.32 -35.05 -20.23
C ILE B 15 -14.25 -34.28 -20.98
N GLU B 16 -14.70 -33.58 -22.00
CA GLU B 16 -13.82 -32.75 -22.80
C GLU B 16 -13.15 -31.69 -21.94
N VAL B 17 -11.84 -31.55 -22.11
CA VAL B 17 -11.05 -30.74 -21.16
C VAL B 17 -9.76 -30.33 -21.83
N THR B 18 -9.32 -29.10 -21.55
CA THR B 18 -7.96 -28.65 -21.85
C THR B 18 -7.06 -29.03 -20.68
N ILE B 19 -6.05 -29.85 -20.97
CA ILE B 19 -5.11 -30.33 -19.97
C ILE B 19 -3.80 -29.57 -20.11
N GLY B 20 -3.22 -29.15 -18.99
CA GLY B 20 -1.90 -28.57 -19.06
C GLY B 20 -0.93 -29.27 -18.14
N ILE B 21 0.34 -29.29 -18.50
CA ILE B 21 1.39 -29.84 -17.63
C ILE B 21 2.50 -28.79 -17.74
N ASP B 22 2.77 -28.02 -16.69
CA ASP B 22 3.72 -26.87 -16.73
C ASP B 22 3.31 -25.89 -17.83
N GLN B 23 4.15 -25.49 -18.82
CA GLN B 23 3.82 -24.40 -19.77
C GLN B 23 3.11 -24.93 -21.01
N TYR B 24 2.84 -26.23 -21.10
CA TYR B 24 2.15 -26.87 -22.25
C TYR B 24 0.67 -27.04 -21.97
N SER B 25 -0.22 -26.82 -22.94
CA SER B 25 -1.67 -27.10 -22.85
C SER B 25 -2.12 -27.77 -24.17
N PHE B 26 -3.06 -28.72 -24.11
CA PHE B 26 -3.63 -29.47 -25.27
C PHE B 26 -5.08 -29.83 -24.94
N ASN B 27 -5.94 -29.97 -25.94
CA ASN B 27 -7.38 -30.32 -25.77
C ASN B 27 -7.56 -31.84 -25.85
N VAL B 28 -8.41 -32.43 -25.00
CA VAL B 28 -8.80 -33.88 -25.08
C VAL B 28 -10.33 -33.90 -25.33
N LYS B 29 -10.80 -34.57 -26.40
CA LYS B 29 -12.22 -34.51 -26.88
C LYS B 29 -13.16 -35.44 -26.09
N GLU B 30 -14.45 -35.13 -26.04
CA GLU B 30 -15.55 -35.88 -25.37
C GLU B 30 -15.40 -37.37 -25.73
N ASN B 31 -14.91 -38.22 -24.82
CA ASN B 31 -14.60 -39.66 -25.07
C ASN B 31 -13.57 -39.80 -26.20
N GLN B 32 -12.31 -39.51 -25.94
CA GLN B 32 -11.21 -39.74 -26.90
C GLN B 32 -10.24 -40.73 -26.24
N PRO B 33 -9.54 -41.85 -26.84
CA PRO B 33 -8.42 -43.00 -26.27
C PRO B 33 -7.33 -42.15 -25.62
N PHE B 34 -7.36 -41.88 -24.31
CA PHE B 34 -6.34 -41.05 -23.63
C PHE B 34 -6.02 -41.68 -22.29
N HIS B 35 -4.80 -42.09 -22.03
CA HIS B 35 -4.38 -42.60 -20.71
C HIS B 35 -3.30 -41.76 -20.05
N GLY B 36 -3.06 -40.53 -20.50
CA GLY B 36 -2.15 -39.68 -19.73
C GLY B 36 -0.98 -39.12 -20.50
N ILE B 37 0.01 -38.63 -19.74
CA ILE B 37 1.25 -37.95 -20.21
C ILE B 37 2.46 -38.78 -19.77
N LYS B 38 3.42 -39.05 -20.65
CA LYS B 38 4.67 -39.81 -20.37
C LYS B 38 5.90 -38.90 -20.52
N ASP B 39 7.13 -39.35 -20.13
CA ASP B 39 8.42 -38.66 -20.37
C ASP B 39 8.52 -37.37 -19.55
N ILE B 40 7.99 -37.37 -18.33
CA ILE B 40 8.01 -36.17 -17.50
C ILE B 40 9.37 -36.02 -16.85
N PRO B 41 10.04 -34.90 -17.03
CA PRO B 41 11.41 -34.78 -16.50
C PRO B 41 11.44 -34.92 -15.00
N ILE B 42 12.25 -35.86 -14.54
CA ILE B 42 12.56 -36.00 -13.13
C ILE B 42 13.49 -34.88 -12.69
N GLY B 43 13.27 -34.40 -11.47
CA GLY B 43 14.13 -33.41 -10.86
C GLY B 43 13.48 -32.08 -10.63
N HIS B 44 12.24 -31.88 -11.11
CA HIS B 44 11.55 -30.62 -10.97
C HIS B 44 10.19 -30.92 -10.39
N VAL B 45 9.60 -29.91 -9.75
N VAL B 45 9.64 -29.96 -9.66
CA VAL B 45 8.19 -29.96 -9.39
CA VAL B 45 8.19 -30.05 -9.41
C VAL B 45 7.34 -29.60 -10.60
C VAL B 45 7.47 -29.88 -10.74
N HIS B 46 6.20 -30.28 -10.77
CA HIS B 46 5.39 -30.14 -11.95
C HIS B 46 3.99 -29.76 -11.50
N VAL B 47 3.21 -29.28 -12.45
CA VAL B 47 1.80 -28.97 -12.19
C VAL B 47 1.00 -29.50 -13.36
N ILE B 48 -0.06 -30.25 -13.09
N ILE B 48 0.01 -30.34 -13.08
CA ILE B 48 -0.95 -30.73 -14.11
CA ILE B 48 -0.97 -30.73 -14.09
C ILE B 48 -2.31 -30.10 -13.82
C ILE B 48 -2.24 -29.95 -13.78
N HIS B 49 -2.85 -29.38 -14.82
CA HIS B 49 -4.01 -28.52 -14.59
C HIS B 49 -5.09 -28.69 -15.65
N PHE B 50 -6.31 -28.21 -15.33
CA PHE B 50 -7.49 -28.61 -16.09
C PHE B 50 -8.39 -27.41 -16.29
N GLN B 51 -9.00 -27.34 -17.47
CA GLN B 51 -10.08 -26.37 -17.70
C GLN B 51 -11.14 -27.06 -18.52
N HIS B 52 -12.29 -27.26 -17.93
CA HIS B 52 -13.31 -28.03 -18.62
C HIS B 52 -13.84 -27.27 -19.83
N ALA B 53 -14.08 -28.03 -20.90
CA ALA B 53 -14.52 -27.43 -22.14
C ALA B 53 -15.89 -26.78 -21.98
N ASP B 54 -16.73 -27.35 -21.12
CA ASP B 54 -18.11 -26.91 -20.96
C ASP B 54 -18.29 -25.85 -19.89
N ASN B 55 -17.30 -25.68 -19.01
CA ASN B 55 -17.36 -24.66 -17.97
C ASN B 55 -15.92 -24.26 -17.70
N SER B 56 -15.46 -23.26 -18.41
CA SER B 56 -14.11 -22.77 -18.16
C SER B 56 -14.01 -22.14 -16.78
N SER B 57 -15.12 -22.01 -16.07
CA SER B 57 -15.07 -21.61 -14.67
C SER B 57 -14.28 -22.65 -13.87
N MET B 58 -13.44 -22.16 -12.97
N MET B 58 -13.42 -22.13 -13.00
CA MET B 58 -12.57 -23.01 -12.20
CA MET B 58 -12.55 -22.93 -12.18
C MET B 58 -11.54 -23.68 -13.10
C MET B 58 -11.53 -23.68 -13.03
N ARG B 59 -10.41 -23.01 -13.33
CA ARG B 59 -9.19 -23.73 -13.63
C ARG B 59 -8.77 -24.41 -12.32
N TYR B 60 -8.27 -25.65 -12.37
CA TYR B 60 -7.79 -26.27 -11.14
C TYR B 60 -6.67 -27.23 -11.52
N GLY B 61 -5.92 -27.66 -10.51
CA GLY B 61 -4.81 -28.55 -10.83
C GLY B 61 -4.05 -28.99 -9.61
N TYR B 62 -2.93 -29.70 -9.86
CA TYR B 62 -2.18 -30.40 -8.83
C TYR B 62 -0.69 -30.18 -9.02
N TRP B 63 -0.01 -29.73 -7.97
CA TRP B 63 1.46 -29.66 -7.90
C TRP B 63 1.96 -30.98 -7.35
N PHE B 64 2.99 -31.56 -7.96
CA PHE B 64 3.43 -32.85 -7.50
C PHE B 64 4.89 -32.99 -7.88
N ASP B 65 5.54 -33.98 -7.31
CA ASP B 65 6.94 -34.31 -7.66
C ASP B 65 6.99 -35.83 -7.71
N CYS B 66 7.27 -36.38 -8.91
CA CYS B 66 7.24 -37.83 -9.12
C CYS B 66 8.22 -38.59 -8.27
N ARG B 67 9.23 -37.93 -7.72
CA ARG B 67 10.12 -38.62 -6.80
C ARG B 67 9.45 -38.93 -5.48
N MET B 68 8.25 -38.40 -5.23
N MET B 68 8.25 -38.40 -5.24
CA MET B 68 7.57 -38.56 -3.96
CA MET B 68 7.56 -38.55 -3.96
C MET B 68 6.44 -39.59 -4.00
C MET B 68 6.41 -39.55 -4.02
N GLY B 69 6.27 -40.29 -5.11
CA GLY B 69 5.25 -41.32 -5.20
C GLY B 69 4.79 -41.51 -6.62
N ASN B 70 3.96 -42.52 -6.82
CA ASN B 70 3.32 -42.78 -8.10
C ASN B 70 1.93 -42.15 -8.11
N PHE B 71 1.74 -41.16 -8.97
CA PHE B 71 0.48 -40.40 -9.03
C PHE B 71 -0.25 -40.66 -10.35
N TYR B 72 -1.58 -40.74 -10.28
CA TYR B 72 -2.41 -40.84 -11.46
C TYR B 72 -3.61 -39.91 -11.33
N ILE B 73 -4.36 -39.77 -12.43
CA ILE B 73 -5.56 -38.93 -12.50
C ILE B 73 -6.79 -39.80 -12.82
N GLN B 74 -7.87 -39.55 -12.10
CA GLN B 74 -9.10 -40.27 -12.34
C GLN B 74 -10.25 -39.30 -12.19
N TYR B 75 -11.16 -39.26 -13.17
CA TYR B 75 -12.31 -38.39 -13.10
C TYR B 75 -13.30 -38.90 -12.07
N ASP B 76 -13.86 -37.96 -11.31
CA ASP B 76 -14.89 -38.25 -10.32
C ASP B 76 -16.21 -37.66 -10.80
N PRO B 77 -17.18 -38.48 -11.22
CA PRO B 77 -18.42 -37.94 -11.79
C PRO B 77 -19.33 -37.35 -10.75
N LYS B 78 -19.03 -37.56 -9.47
CA LYS B 78 -19.84 -36.98 -8.40
C LYS B 78 -19.39 -35.56 -8.09
N ASP B 79 -18.08 -35.38 -7.85
CA ASP B 79 -17.54 -34.05 -7.64
C ASP B 79 -17.24 -33.33 -8.95
N GLY B 80 -17.31 -34.01 -10.07
CA GLY B 80 -17.19 -33.36 -11.36
C GLY B 80 -15.79 -32.83 -11.60
N LEU B 81 -14.79 -33.57 -11.17
CA LEU B 81 -13.47 -33.10 -11.61
C LEU B 81 -12.47 -34.22 -11.71
N TYR B 82 -11.38 -33.88 -12.36
CA TYR B 82 -10.26 -34.80 -12.49
C TYR B 82 -9.43 -34.74 -11.21
N LYS B 83 -9.31 -35.86 -10.50
CA LYS B 83 -8.66 -35.88 -9.20
C LYS B 83 -7.31 -36.58 -9.30
N MET B 84 -6.32 -36.05 -8.61
CA MET B 84 -5.05 -36.77 -8.48
C MET B 84 -5.11 -37.75 -7.32
N MET B 85 -4.50 -38.92 -7.52
CA MET B 85 -4.48 -39.95 -6.51
C MET B 85 -3.09 -40.58 -6.49
N GLU B 86 -2.74 -41.19 -5.36
CA GLU B 86 -1.49 -41.93 -5.22
C GLU B 86 -1.78 -43.41 -5.28
N GLU B 87 -0.98 -44.15 -6.06
CA GLU B 87 -1.04 -45.61 -6.08
C GLU B 87 0.06 -46.12 -5.16
N ARG B 88 -0.34 -46.83 -4.11
CA ARG B 88 0.64 -47.41 -3.21
C ARG B 88 1.18 -48.74 -3.74
N ASP B 89 0.47 -49.38 -4.66
CA ASP B 89 0.89 -50.67 -5.21
C ASP B 89 1.85 -50.42 -6.38
N GLY B 90 3.14 -50.37 -6.04
CA GLY B 90 4.13 -50.00 -7.04
C GLY B 90 4.18 -50.94 -8.22
N ALA B 91 4.03 -52.24 -7.98
CA ALA B 91 4.06 -53.19 -9.08
C ALA B 91 2.87 -52.97 -10.00
N LYS B 92 1.69 -52.79 -9.41
CA LYS B 92 0.48 -52.47 -10.17
C LYS B 92 0.70 -51.24 -11.04
N PHE B 93 1.21 -50.16 -10.44
CA PHE B 93 1.46 -48.93 -11.19
C PHE B 93 2.36 -49.17 -12.41
N GLU B 94 3.52 -49.81 -12.20
CA GLU B 94 4.43 -50.01 -13.31
C GLU B 94 3.79 -50.84 -14.41
N ASN B 95 3.08 -51.90 -14.03
CA ASN B 95 2.38 -52.72 -15.01
C ASN B 95 1.41 -51.88 -15.84
N ILE B 96 0.59 -51.06 -15.15
CA ILE B 96 -0.38 -50.19 -15.81
C ILE B 96 0.31 -49.24 -16.78
N VAL B 97 1.29 -48.50 -16.27
CA VAL B 97 2.01 -47.54 -17.11
C VAL B 97 2.64 -48.25 -18.31
N HIS B 98 3.31 -49.37 -18.06
CA HIS B 98 3.92 -50.12 -19.16
C HIS B 98 2.89 -50.45 -20.24
N ASN B 99 1.80 -51.04 -19.77
CA ASN B 99 0.75 -51.59 -20.63
C ASN B 99 0.27 -50.46 -21.52
N PHE B 100 0.20 -49.24 -20.96
CA PHE B 100 -0.37 -47.99 -21.57
C PHE B 100 0.52 -47.44 -22.68
N LYS B 101 1.79 -47.38 -22.33
CA LYS B 101 2.86 -46.96 -23.25
C LYS B 101 2.96 -47.90 -24.44
N GLU B 102 2.92 -49.22 -24.19
CA GLU B 102 2.85 -50.19 -25.28
C GLU B 102 1.75 -49.84 -26.27
N ARG B 103 0.58 -49.51 -25.77
CA ARG B 103 -0.53 -49.24 -26.70
C ARG B 103 -0.51 -47.78 -27.19
N GLN B 104 0.52 -46.99 -26.83
CA GLN B 104 0.69 -45.60 -27.27
C GLN B 104 -0.54 -44.75 -26.94
N MET B 105 -1.09 -45.04 -25.78
CA MET B 105 -2.26 -44.34 -25.26
C MET B 105 -1.89 -43.06 -24.50
N MET B 106 -0.70 -42.51 -24.71
CA MET B 106 -0.29 -41.30 -23.93
C MET B 106 0.34 -40.25 -24.86
N VAL B 107 0.18 -38.97 -24.51
CA VAL B 107 0.83 -37.80 -25.17
C VAL B 107 2.23 -37.69 -24.53
N SER B 108 3.17 -37.11 -25.26
CA SER B 108 4.57 -36.99 -24.82
C SER B 108 4.86 -35.58 -24.29
N TYR B 109 5.32 -35.46 -23.06
CA TYR B 109 5.85 -34.19 -22.55
C TYR B 109 6.92 -33.82 -23.58
N PRO B 110 6.77 -32.78 -24.42
CA PRO B 110 7.72 -32.53 -25.47
C PRO B 110 8.85 -31.59 -25.05
N LYS B 111 9.80 -32.03 -24.22
CA LYS B 111 10.85 -31.10 -23.72
C LYS B 111 11.89 -30.78 -24.81
N ILE B 112 11.83 -29.60 -25.47
CA ILE B 112 12.97 -29.22 -26.31
C ILE B 112 14.23 -29.26 -25.48
N ASP B 113 15.27 -29.89 -26.04
CA ASP B 113 16.50 -30.11 -25.27
C ASP B 113 17.26 -28.81 -25.02
N GLU B 114 17.13 -27.84 -25.94
CA GLU B 114 17.69 -26.50 -25.73
C GLU B 114 17.01 -25.76 -24.58
N ASP B 115 15.85 -26.22 -24.14
CA ASP B 115 14.92 -25.37 -23.42
C ASP B 115 15.07 -25.56 -21.92
N ASP B 116 15.49 -24.50 -21.23
CA ASP B 116 15.53 -24.49 -19.78
C ASP B 116 14.33 -23.75 -19.16
N THR B 117 13.27 -23.49 -19.93
CA THR B 117 12.20 -22.65 -19.40
C THR B 117 11.65 -23.13 -18.05
N TRP B 118 11.32 -24.42 -17.94
CA TRP B 118 10.65 -24.85 -16.71
C TRP B 118 11.61 -24.82 -15.54
N TYR B 119 12.85 -25.27 -15.73
CA TYR B 119 13.83 -25.11 -14.68
C TYR B 119 13.89 -23.66 -14.23
N ASN B 120 13.92 -22.73 -15.18
CA ASN B 120 14.13 -21.33 -14.81
C ASN B 120 12.90 -20.76 -14.09
N LEU B 121 11.74 -21.33 -14.33
CA LEU B 121 10.54 -20.87 -13.61
C LEU B 121 10.40 -21.50 -12.23
N THR B 122 11.04 -22.64 -11.98
CA THR B 122 10.82 -23.43 -10.78
C THR B 122 12.10 -23.67 -9.99
N GLU B 123 13.17 -22.91 -10.30
CA GLU B 123 14.49 -23.18 -9.77
C GLU B 123 14.47 -23.34 -8.24
N PHE B 124 13.72 -22.50 -7.52
CA PHE B 124 13.71 -22.47 -6.06
C PHE B 124 12.47 -23.08 -5.45
N VAL B 125 11.59 -23.64 -6.26
CA VAL B 125 10.31 -24.17 -5.80
C VAL B 125 10.53 -25.61 -5.34
N GLN B 126 10.06 -25.93 -4.14
N GLN B 126 10.11 -25.90 -4.12
CA GLN B 126 10.27 -27.23 -3.52
CA GLN B 126 10.24 -27.21 -3.51
C GLN B 126 8.95 -27.76 -2.99
C GLN B 126 8.88 -27.72 -3.12
N MET B 127 8.65 -29.03 -3.29
CA MET B 127 7.36 -29.60 -2.88
C MET B 127 7.11 -29.42 -1.40
N ASP B 128 8.15 -29.58 -0.57
CA ASP B 128 7.95 -29.45 0.86
C ASP B 128 7.43 -28.05 1.21
N LYS B 129 7.90 -27.03 0.50
CA LYS B 129 7.41 -25.69 0.82
C LYS B 129 6.03 -25.45 0.23
N ILE B 130 5.75 -26.01 -0.94
CA ILE B 130 4.38 -25.95 -1.47
C ILE B 130 3.39 -26.50 -0.46
N ARG B 131 3.71 -27.64 0.16
CA ARG B 131 2.77 -28.30 1.05
C ARG B 131 2.51 -27.50 2.33
N LYS B 132 3.41 -26.57 2.69
CA LYS B 132 3.16 -25.66 3.81
C LYS B 132 2.28 -24.49 3.40
N ILE B 133 2.36 -24.08 2.13
CA ILE B 133 1.45 -23.04 1.67
C ILE B 133 0.06 -23.64 1.42
N VAL B 134 0.00 -24.85 0.87
CA VAL B 134 -1.24 -25.55 0.56
C VAL B 134 -1.40 -26.68 1.56
N ARG B 135 -2.29 -26.52 2.52
CA ARG B 135 -2.33 -27.39 3.70
C ARG B 135 -3.29 -28.55 3.47
N LYS B 136 -2.74 -29.73 3.21
CA LYS B 136 -3.55 -30.94 3.08
C LYS B 136 -2.64 -32.15 3.25
N ASP B 137 -2.23 -32.38 4.49
CA ASP B 137 -1.06 -33.21 4.75
C ASP B 137 -1.25 -34.68 4.41
N GLU B 138 -2.49 -35.11 4.12
CA GLU B 138 -2.71 -36.52 3.81
C GLU B 138 -2.31 -36.89 2.39
N ASN B 139 -2.10 -35.91 1.51
CA ASN B 139 -1.67 -36.14 0.15
C ASN B 139 -0.26 -35.58 -0.03
N GLN B 140 0.51 -36.23 -0.91
CA GLN B 140 1.87 -35.80 -1.27
C GLN B 140 1.87 -34.75 -2.37
N PHE B 141 0.70 -34.50 -2.94
CA PHE B 141 0.52 -33.53 -4.00
C PHE B 141 -0.45 -32.47 -3.48
N SER B 142 -0.46 -31.31 -4.14
CA SER B 142 -1.23 -30.16 -3.66
C SER B 142 -2.19 -29.62 -4.72
N TYR B 143 -3.46 -29.49 -4.33
CA TYR B 143 -4.52 -28.97 -5.17
C TYR B 143 -4.58 -27.46 -5.03
N VAL B 144 -4.67 -26.79 -6.16
CA VAL B 144 -4.88 -25.34 -6.22
C VAL B 144 -5.95 -25.07 -7.27
N ASP B 145 -6.75 -24.01 -7.06
CA ASP B 145 -7.65 -23.59 -8.13
C ASP B 145 -7.81 -22.07 -8.21
N SER B 146 -8.56 -21.65 -9.25
CA SER B 146 -8.77 -20.25 -9.58
C SER B 146 -9.26 -19.44 -8.37
N SER B 147 -10.12 -20.03 -7.54
CA SER B 147 -10.87 -19.25 -6.56
C SER B 147 -10.30 -19.26 -5.14
N MET B 148 -9.27 -20.07 -4.86
CA MET B 148 -8.79 -20.16 -3.49
C MET B 148 -8.22 -18.82 -3.05
N THR B 149 -8.60 -18.37 -1.86
CA THR B 149 -8.14 -17.10 -1.32
C THR B 149 -6.93 -17.35 -0.44
N THR B 150 -6.20 -16.27 -0.18
CA THR B 150 -4.99 -16.34 0.63
C THR B 150 -5.33 -15.98 2.06
N VAL B 151 -4.45 -16.38 2.98
CA VAL B 151 -4.60 -16.00 4.38
C VAL B 151 -4.82 -14.49 4.51
N GLN B 152 -3.96 -13.69 3.86
CA GLN B 152 -4.12 -12.24 3.94
C GLN B 152 -5.45 -11.79 3.37
N GLU B 153 -5.85 -12.35 2.22
CA GLU B 153 -7.16 -12.01 1.66
C GLU B 153 -8.26 -12.31 2.66
N ASN B 154 -8.13 -13.41 3.41
CA ASN B 154 -9.12 -13.79 4.42
C ASN B 154 -9.06 -12.89 5.66
N GLU B 155 -8.00 -12.10 5.81
CA GLU B 155 -7.98 -11.10 6.88
C GLU B 155 -8.79 -9.87 6.49
N LEU B 156 -8.81 -9.53 5.21
CA LEU B 156 -9.42 -8.28 4.74
C LEU B 156 -10.86 -8.50 4.26
N SER B 161 -13.19 -18.00 2.67
CA SER B 161 -13.22 -17.80 4.11
C SER B 161 -13.04 -19.12 4.86
N ASP B 162 -12.80 -20.21 4.11
CA ASP B 162 -12.57 -21.52 4.72
C ASP B 162 -11.08 -21.69 4.96
N PRO B 163 -10.61 -21.78 6.21
CA PRO B 163 -9.16 -21.80 6.46
C PRO B 163 -8.42 -22.96 5.81
N ALA B 164 -9.10 -24.10 5.62
CA ALA B 164 -8.46 -25.31 5.11
C ALA B 164 -8.22 -25.26 3.60
N HIS B 165 -8.96 -24.41 2.90
CA HIS B 165 -8.91 -24.28 1.45
C HIS B 165 -8.18 -23.00 1.03
N SER B 166 -7.29 -22.49 1.88
CA SER B 166 -6.64 -21.22 1.64
C SER B 166 -5.18 -21.44 1.26
N LEU B 167 -4.61 -20.42 0.65
CA LEU B 167 -3.20 -20.39 0.31
C LEU B 167 -2.48 -19.62 1.41
N ASN B 168 -1.65 -20.31 2.18
N ASN B 168 -1.64 -20.33 2.15
CA ASN B 168 -0.97 -19.72 3.34
CA ASN B 168 -0.93 -19.78 3.31
C ASN B 168 0.38 -19.11 2.93
C ASN B 168 0.40 -19.14 2.90
N TYR B 169 0.30 -18.12 2.05
CA TYR B 169 1.49 -17.37 1.68
C TYR B 169 1.92 -16.52 2.88
N THR B 170 3.19 -16.18 2.91
CA THR B 170 3.70 -15.28 3.95
C THR B 170 3.06 -13.91 3.82
N VAL B 171 2.41 -13.43 4.89
CA VAL B 171 1.76 -12.14 4.77
C VAL B 171 2.79 -11.02 4.74
N ILE B 172 2.68 -10.16 3.74
CA ILE B 172 3.53 -8.97 3.59
C ILE B 172 2.61 -7.75 3.64
N ASN B 173 2.93 -6.80 4.50
CA ASN B 173 2.07 -5.63 4.59
C ASN B 173 2.94 -4.46 4.99
N PHE B 174 3.08 -3.47 4.11
CA PHE B 174 4.08 -2.43 4.31
C PHE B 174 3.70 -1.44 5.40
N LYS B 175 2.42 -1.36 5.74
CA LYS B 175 2.00 -0.51 6.85
C LYS B 175 1.51 -1.41 7.97
N SER B 176 2.47 -2.11 8.57
CA SER B 176 2.22 -3.03 9.66
C SER B 176 3.33 -2.84 10.69
N ARG B 177 3.02 -3.17 11.95
CA ARG B 177 4.03 -3.09 12.98
C ARG B 177 5.20 -4.02 12.70
N GLU B 178 4.95 -5.17 12.05
CA GLU B 178 6.08 -6.03 11.68
C GLU B 178 7.02 -5.31 10.71
N ALA B 179 6.48 -4.48 9.82
CA ALA B 179 7.30 -3.83 8.80
C ALA B 179 8.04 -2.60 9.31
N ILE B 180 7.62 -2.02 10.44
CA ILE B 180 7.99 -0.68 10.87
C ILE B 180 8.50 -0.75 12.29
N ARG B 181 9.79 -0.43 12.49
CA ARG B 181 10.35 -0.37 13.84
C ARG B 181 9.90 0.89 14.57
N PRO B 182 9.41 0.78 15.80
CA PRO B 182 9.13 1.97 16.60
C PRO B 182 10.35 2.88 16.62
N GLY B 183 10.14 4.16 16.27
CA GLY B 183 11.23 5.10 16.20
C GLY B 183 11.98 5.17 14.89
N HIS B 184 11.72 4.23 13.95
CA HIS B 184 12.29 4.32 12.61
C HIS B 184 11.20 4.39 11.56
N GLU B 185 10.11 5.11 11.84
CA GLU B 185 8.92 5.08 10.99
C GLU B 185 9.24 5.54 9.57
N MET B 186 9.79 6.74 9.42
CA MET B 186 10.11 7.25 8.10
C MET B 186 11.15 6.38 7.41
N GLU B 187 12.20 6.06 8.16
CA GLU B 187 13.28 5.25 7.58
C GLU B 187 12.75 3.94 7.04
N ASP B 188 12.02 3.20 7.88
CA ASP B 188 11.55 1.87 7.49
C ASP B 188 10.43 1.91 6.45
N PHE B 189 9.66 2.99 6.35
CA PHE B 189 8.61 3.02 5.35
C PHE B 189 9.16 3.38 3.99
N LEU B 190 10.21 4.21 3.96
CA LEU B 190 10.78 4.66 2.71
C LEU B 190 11.86 3.72 2.20
N ASP B 191 12.49 2.95 3.09
CA ASP B 191 13.52 1.96 2.76
C ASP B 191 13.15 0.65 3.45
N LYS B 192 12.72 -0.34 2.68
CA LYS B 192 12.18 -1.54 3.30
C LYS B 192 13.26 -2.55 3.71
N SER B 193 14.55 -2.16 3.74
CA SER B 193 15.59 -3.17 3.95
C SER B 193 15.43 -3.92 5.26
N TYR B 194 14.96 -3.26 6.33
N TYR B 194 14.97 -3.23 6.32
N TYR B 194 14.98 -3.24 6.33
CA TYR B 194 14.85 -3.98 7.60
CA TYR B 194 14.78 -3.90 7.60
CA TYR B 194 14.82 -3.94 7.60
C TYR B 194 13.74 -5.03 7.52
C TYR B 194 13.76 -5.01 7.48
C TYR B 194 13.76 -5.03 7.48
N TYR B 195 12.61 -4.69 6.89
CA TYR B 195 11.57 -5.68 6.69
C TYR B 195 12.07 -6.83 5.80
N LEU B 196 12.73 -6.52 4.69
CA LEU B 196 13.25 -7.58 3.81
C LEU B 196 14.29 -8.44 4.53
N ASN B 197 15.35 -7.81 5.05
CA ASN B 197 16.52 -8.59 5.46
C ASN B 197 16.37 -9.17 6.86
N THR B 198 15.89 -8.38 7.84
CA THR B 198 15.78 -8.90 9.20
C THR B 198 14.47 -9.66 9.42
N VAL B 199 13.34 -9.05 9.08
CA VAL B 199 12.06 -9.68 9.38
C VAL B 199 11.85 -10.86 8.44
N MET B 200 11.95 -10.63 7.14
CA MET B 200 11.51 -11.66 6.20
C MET B 200 12.62 -12.69 5.95
N LEU B 201 13.79 -12.25 5.50
CA LEU B 201 14.84 -13.20 5.12
C LEU B 201 15.46 -13.90 6.34
N GLN B 202 15.95 -13.12 7.31
N GLN B 202 15.97 -13.13 7.30
CA GLN B 202 16.56 -13.74 8.48
CA GLN B 202 16.55 -13.77 8.48
C GLN B 202 15.51 -14.34 9.41
C GLN B 202 15.47 -14.37 9.37
N GLY B 203 14.38 -13.66 9.58
CA GLY B 203 13.35 -14.06 10.51
C GLY B 203 12.43 -15.18 10.05
N ILE B 204 11.91 -15.07 8.84
CA ILE B 204 10.78 -15.86 8.40
C ILE B 204 11.20 -16.89 7.35
N PHE B 205 11.84 -16.44 6.28
CA PHE B 205 12.21 -17.35 5.20
C PHE B 205 13.50 -18.11 5.47
N LYS B 206 14.38 -17.56 6.31
CA LYS B 206 15.67 -18.16 6.66
C LYS B 206 16.73 -17.92 5.60
N ASN B 207 16.35 -17.91 4.32
CA ASN B 207 17.32 -17.64 3.26
C ASN B 207 16.56 -17.16 2.03
N SER B 208 17.30 -16.61 1.06
CA SER B 208 16.69 -16.08 -0.15
C SER B 208 16.16 -17.17 -1.07
N SER B 209 16.72 -18.39 -1.00
CA SER B 209 16.18 -19.45 -1.82
C SER B 209 14.72 -19.75 -1.45
N ASN B 210 14.40 -19.78 -0.16
CA ASN B 210 13.01 -20.01 0.22
C ASN B 210 12.12 -18.83 -0.18
N TYR B 211 12.64 -17.60 -0.08
CA TYR B 211 11.89 -16.42 -0.53
C TYR B 211 11.62 -16.50 -2.02
N PHE B 212 12.66 -16.79 -2.81
CA PHE B 212 12.42 -16.90 -4.24
C PHE B 212 11.47 -18.03 -4.58
N GLY B 213 11.48 -19.13 -3.81
CA GLY B 213 10.60 -20.25 -4.13
C GLY B 213 9.15 -19.87 -3.98
N GLU B 214 8.82 -19.15 -2.92
CA GLU B 214 7.46 -18.67 -2.71
C GLU B 214 7.07 -17.69 -3.80
N LEU B 215 8.00 -16.79 -4.16
CA LEU B 215 7.74 -15.85 -5.24
C LEU B 215 7.44 -16.57 -6.56
N GLN B 216 8.25 -17.59 -6.92
CA GLN B 216 8.00 -18.30 -8.14
C GLN B 216 6.68 -19.06 -8.10
N PHE B 217 6.37 -19.67 -6.95
CA PHE B 217 5.14 -20.44 -6.80
C PHE B 217 3.91 -19.54 -6.92
N ALA B 218 3.97 -18.38 -6.29
CA ALA B 218 2.90 -17.38 -6.42
C ALA B 218 2.70 -16.98 -7.88
N PHE B 219 3.79 -16.70 -8.61
CA PHE B 219 3.64 -16.37 -10.02
C PHE B 219 2.96 -17.49 -10.79
N LEU B 220 3.42 -18.73 -10.58
CA LEU B 220 2.88 -19.84 -11.37
C LEU B 220 1.39 -20.07 -11.06
N ASN B 221 0.95 -19.87 -9.80
CA ASN B 221 -0.47 -20.04 -9.51
CA ASN B 221 -0.46 -20.03 -9.49
C ASN B 221 -1.29 -18.90 -10.13
N ALA B 222 -0.73 -17.69 -10.15
CA ALA B 222 -1.38 -16.58 -10.86
C ALA B 222 -1.55 -16.88 -12.36
N MET B 223 -0.47 -17.32 -13.02
CA MET B 223 -0.51 -17.57 -14.45
C MET B 223 -1.36 -18.76 -14.83
N PHE B 224 -1.20 -19.88 -14.13
CA PHE B 224 -1.89 -21.09 -14.55
C PHE B 224 -3.32 -21.15 -14.10
N PHE B 225 -3.66 -20.51 -12.96
CA PHE B 225 -5.04 -20.63 -12.47
C PHE B 225 -5.79 -19.30 -12.47
N GLY B 226 -5.14 -18.20 -12.88
CA GLY B 226 -5.76 -16.89 -12.70
C GLY B 226 -6.08 -16.59 -11.26
N ASN B 227 -5.26 -17.09 -10.34
CA ASN B 227 -5.51 -16.93 -8.92
C ASN B 227 -5.11 -15.51 -8.53
N TYR B 228 -6.09 -14.69 -8.14
CA TYR B 228 -5.80 -13.27 -7.91
C TYR B 228 -4.91 -13.03 -6.69
N GLY B 229 -5.15 -13.74 -5.59
CA GLY B 229 -4.34 -13.56 -4.39
C GLY B 229 -2.90 -13.97 -4.61
N SER B 230 -2.69 -14.94 -5.48
CA SER B 230 -1.32 -15.29 -5.84
C SER B 230 -0.64 -14.16 -6.60
N SER B 231 -1.37 -13.50 -7.51
CA SER B 231 -0.80 -12.36 -8.22
C SER B 231 -0.43 -11.25 -7.25
N LEU B 232 -1.30 -10.98 -6.27
CA LEU B 232 -0.98 -9.98 -5.26
C LEU B 232 0.33 -10.33 -4.54
N GLN B 233 0.49 -11.62 -4.18
CA GLN B 233 1.66 -12.05 -3.44
C GLN B 233 2.93 -11.90 -4.27
N TRP B 234 2.87 -12.32 -5.54
CA TRP B 234 4.02 -12.20 -6.44
C TRP B 234 4.47 -10.75 -6.52
N HIS B 235 3.50 -9.84 -6.71
CA HIS B 235 3.89 -8.43 -6.83
C HIS B 235 4.41 -7.87 -5.52
N ALA B 236 3.83 -8.28 -4.39
CA ALA B 236 4.30 -7.78 -3.11
C ALA B 236 5.74 -8.22 -2.84
N MET B 237 6.07 -9.44 -3.22
CA MET B 237 7.42 -9.92 -2.96
C MET B 237 8.44 -9.23 -3.87
N ILE B 238 8.04 -8.87 -5.10
CA ILE B 238 8.91 -8.08 -5.96
C ILE B 238 9.10 -6.71 -5.36
N GLU B 239 8.00 -6.06 -5.00
CA GLU B 239 8.07 -4.70 -4.49
C GLU B 239 8.90 -4.63 -3.23
N LEU B 240 8.82 -5.64 -2.35
CA LEU B 240 9.60 -5.59 -1.12
C LEU B 240 11.10 -5.51 -1.41
N ILE B 241 11.56 -6.28 -2.41
CA ILE B 241 12.96 -6.23 -2.78
C ILE B 241 13.31 -4.89 -3.43
N CYS B 242 12.50 -4.45 -4.38
CA CYS B 242 12.90 -3.28 -5.16
C CYS B 242 12.86 -2.03 -4.31
N SER B 243 12.03 -2.03 -3.27
CA SER B 243 11.85 -0.93 -2.34
C SER B 243 12.83 -0.94 -1.18
N SER B 244 13.83 -1.82 -1.21
CA SER B 244 14.88 -1.90 -0.20
C SER B 244 16.17 -1.37 -0.80
N ALA B 245 16.82 -0.44 -0.09
CA ALA B 245 18.07 0.10 -0.58
C ALA B 245 19.22 -0.88 -0.44
N THR B 246 19.11 -1.81 0.48
CA THR B 246 20.21 -2.72 0.79
C THR B 246 19.72 -4.14 0.56
N VAL B 247 20.19 -4.73 -0.54
CA VAL B 247 19.84 -6.08 -0.95
C VAL B 247 21.13 -6.78 -1.35
N PRO B 248 21.40 -7.99 -0.87
CA PRO B 248 22.59 -8.72 -1.34
C PRO B 248 22.65 -8.78 -2.85
N LYS B 249 23.83 -8.48 -3.37
CA LYS B 249 24.04 -8.38 -4.82
C LYS B 249 23.58 -9.64 -5.52
N HIS B 250 23.78 -10.81 -4.89
CA HIS B 250 23.44 -12.06 -5.55
C HIS B 250 21.95 -12.21 -5.68
N MET B 251 21.21 -11.67 -4.72
CA MET B 251 19.76 -11.71 -4.79
C MET B 251 19.26 -10.84 -5.93
N LEU B 252 19.85 -9.65 -6.13
CA LEU B 252 19.37 -8.79 -7.22
C LEU B 252 19.63 -9.44 -8.57
N ASP B 253 20.82 -9.99 -8.77
CA ASP B 253 21.11 -10.67 -10.02
C ASP B 253 20.15 -11.84 -10.24
N LYS B 254 19.90 -12.64 -9.21
CA LYS B 254 18.99 -13.77 -9.39
C LYS B 254 17.55 -13.28 -9.64
N LEU B 255 17.13 -12.24 -8.91
CA LEU B 255 15.77 -11.70 -9.13
C LEU B 255 15.59 -11.29 -10.60
N ASP B 256 16.57 -10.61 -11.17
CA ASP B 256 16.50 -10.21 -12.58
C ASP B 256 16.28 -11.42 -13.46
N GLU B 257 17.00 -12.52 -13.22
CA GLU B 257 16.81 -13.72 -14.04
C GLU B 257 15.41 -14.32 -13.83
N ILE B 258 14.98 -14.39 -12.58
CA ILE B 258 13.68 -14.97 -12.27
C ILE B 258 12.59 -14.22 -13.02
N LEU B 259 12.57 -12.90 -12.85
CA LEU B 259 11.53 -12.09 -13.44
C LEU B 259 11.58 -12.13 -14.96
N TYR B 260 12.79 -12.17 -15.51
CA TYR B 260 12.95 -12.24 -16.94
C TYR B 260 12.21 -13.43 -17.51
N TYR B 261 12.43 -14.62 -16.92
CA TYR B 261 11.78 -15.81 -17.48
C TYR B 261 10.28 -15.78 -17.23
N GLN B 262 9.85 -15.13 -16.14
CA GLN B 262 8.41 -15.06 -15.88
C GLN B 262 7.72 -14.19 -16.93
N ILE B 263 8.31 -13.02 -17.21
CA ILE B 263 7.76 -12.14 -18.23
C ILE B 263 7.84 -12.79 -19.60
N LYS B 264 8.94 -13.50 -19.88
CA LYS B 264 9.07 -14.16 -21.18
C LYS B 264 7.95 -15.18 -21.40
N THR B 265 7.54 -15.86 -20.32
CA THR B 265 6.61 -16.97 -20.43
C THR B 265 5.17 -16.49 -20.41
N LEU B 266 4.92 -15.37 -19.77
CA LEU B 266 3.54 -14.85 -19.66
C LEU B 266 2.87 -14.78 -21.03
N PRO B 267 1.66 -15.32 -21.19
CA PRO B 267 0.93 -15.09 -22.44
C PRO B 267 0.68 -13.60 -22.67
N GLU B 268 0.95 -13.16 -23.90
CA GLU B 268 0.79 -11.74 -24.22
C GLU B 268 -0.64 -11.30 -23.94
N GLN B 269 -1.61 -12.13 -24.30
CA GLN B 269 -3.02 -11.80 -24.15
C GLN B 269 -3.46 -11.74 -22.69
N TYR B 270 -2.65 -12.21 -21.75
CA TYR B 270 -2.99 -12.15 -20.33
C TYR B 270 -2.25 -11.03 -19.61
N SER B 271 -1.41 -10.27 -20.30
CA SER B 271 -0.61 -9.28 -19.58
C SER B 271 -1.50 -8.25 -18.92
N ASP B 272 -2.65 -7.95 -19.52
CA ASP B 272 -3.55 -6.93 -18.99
C ASP B 272 -4.01 -7.25 -17.58
N ILE B 273 -4.17 -8.53 -17.25
CA ILE B 273 -4.73 -8.94 -15.97
C ILE B 273 -3.69 -9.51 -15.02
N LEU B 274 -2.50 -9.87 -15.50
CA LEU B 274 -1.49 -10.45 -14.63
C LEU B 274 -0.40 -9.47 -14.21
N LEU B 275 -0.34 -8.26 -14.77
CA LEU B 275 0.74 -7.34 -14.47
C LEU B 275 0.15 -6.08 -13.86
N ASN B 276 0.67 -5.71 -12.70
CA ASN B 276 0.22 -4.51 -12.00
C ASN B 276 1.04 -3.31 -12.46
N GLU B 277 0.40 -2.41 -13.21
CA GLU B 277 1.11 -1.28 -13.78
C GLU B 277 1.89 -0.49 -12.73
N ARG B 278 1.26 -0.18 -11.59
CA ARG B 278 1.93 0.64 -10.58
C ARG B 278 3.17 -0.05 -10.04
N VAL B 279 3.07 -1.34 -9.72
CA VAL B 279 4.22 -2.00 -9.13
C VAL B 279 5.38 -2.02 -10.11
N TRP B 280 5.10 -2.31 -11.39
CA TRP B 280 6.18 -2.50 -12.36
C TRP B 280 6.83 -1.18 -12.70
N ASN B 281 6.03 -0.13 -12.89
CA ASN B 281 6.60 1.18 -13.17
C ASN B 281 7.43 1.69 -12.00
N ILE B 282 6.93 1.52 -10.78
CA ILE B 282 7.71 1.88 -9.60
C ILE B 282 9.00 1.05 -9.54
N CYS B 283 8.88 -0.26 -9.73
CA CYS B 283 10.06 -1.12 -9.58
C CYS B 283 11.12 -0.79 -10.62
N LEU B 284 10.72 -0.55 -11.86
CA LEU B 284 11.68 -0.39 -12.94
C LEU B 284 12.21 1.04 -13.03
N TYR B 285 11.45 2.03 -12.61
CA TYR B 285 11.79 3.41 -12.91
C TYR B 285 11.96 4.32 -11.72
N SER B 286 11.40 3.99 -10.55
CA SER B 286 11.49 4.87 -9.38
C SER B 286 12.19 4.27 -8.16
N SER B 287 12.34 2.95 -8.10
CA SER B 287 12.73 2.29 -6.86
C SER B 287 14.24 2.31 -6.67
N PHE B 288 14.67 1.91 -5.47
CA PHE B 288 16.09 1.80 -5.19
C PHE B 288 16.79 0.91 -6.21
N GLN B 289 16.09 -0.09 -6.71
CA GLN B 289 16.69 -1.07 -7.62
C GLN B 289 16.32 -0.79 -9.08
N LYS B 290 15.89 0.43 -9.40
CA LYS B 290 15.43 0.76 -10.75
C LYS B 290 16.46 0.48 -11.83
N ASN B 291 17.74 0.41 -11.48
CA ASN B 291 18.82 0.18 -12.43
C ASN B 291 19.51 -1.17 -12.20
N SER B 292 18.91 -2.06 -11.39
CA SER B 292 19.52 -3.35 -11.09
C SER B 292 18.87 -4.50 -11.84
N LEU B 293 17.82 -4.24 -12.62
CA LEU B 293 17.05 -5.32 -13.25
C LEU B 293 17.15 -5.15 -14.76
N HIS B 294 18.36 -5.30 -15.26
CA HIS B 294 18.63 -4.97 -16.65
C HIS B 294 17.89 -5.89 -17.61
N ASN B 295 17.92 -7.20 -17.35
CA ASN B 295 17.28 -8.10 -18.29
C ASN B 295 15.78 -7.95 -18.25
N THR B 296 15.23 -7.83 -17.06
CA THR B 296 13.79 -7.70 -16.89
C THR B 296 13.29 -6.41 -17.52
N GLU B 297 14.00 -5.30 -17.29
CA GLU B 297 13.59 -4.04 -17.90
C GLU B 297 13.63 -4.15 -19.42
N LYS B 298 14.62 -4.85 -19.97
CA LYS B 298 14.68 -4.92 -21.44
C LYS B 298 13.53 -5.73 -22.01
N ILE B 299 13.16 -6.86 -21.38
CA ILE B 299 12.09 -7.64 -21.98
C ILE B 299 10.75 -6.95 -21.74
N MET B 300 10.57 -6.30 -20.59
CA MET B 300 9.33 -5.57 -20.34
C MET B 300 9.13 -4.45 -21.35
N GLU B 301 10.19 -3.65 -21.58
CA GLU B 301 10.10 -2.53 -22.51
C GLU B 301 9.87 -2.98 -23.95
N ASN B 302 10.35 -4.16 -24.32
CA ASN B 302 10.20 -4.59 -25.71
C ASN B 302 8.91 -5.37 -25.93
N LYS B 303 8.37 -5.98 -24.87
CA LYS B 303 7.21 -6.85 -24.97
C LYS B 303 5.93 -6.20 -24.45
N TYR B 304 6.02 -5.39 -23.41
CA TYR B 304 4.83 -4.77 -22.80
C TYR B 304 5.05 -3.26 -22.61
N PRO B 305 5.46 -2.53 -23.66
CA PRO B 305 5.69 -1.09 -23.51
C PRO B 305 4.42 -0.30 -23.19
N GLU B 306 3.25 -0.86 -23.48
CA GLU B 306 1.99 -0.17 -23.20
C GLU B 306 1.79 -0.02 -21.69
N LEU B 307 1.99 -1.11 -20.95
CA LEU B 307 1.88 -1.05 -19.49
C LEU B 307 2.68 0.10 -18.91
N LEU B 308 3.77 0.46 -19.54
CA LEU B 308 4.63 1.52 -19.01
C LEU B 308 4.36 2.82 -19.79
C7 VP8 C . 2.31 -32.39 -22.98
C7 VP8 C . 2.32 -32.47 -22.90
O1 VP8 C . 1.26 -27.24 -27.72
O1 VP8 C . -0.58 -27.24 -27.93
C1 VP8 C . -0.06 -30.62 -28.59
C1 VP8 C . -0.08 -30.41 -28.42
C5 VP8 C . 1.05 -29.84 -26.63
C5 VP8 C . 1.01 -29.87 -26.37
C6 VP8 C . 1.61 -32.56 -24.29
C6 VP8 C . 1.44 -32.58 -24.09
C4 VP8 C . 1.05 -31.09 -26.10
C4 VP8 C . 1.09 -31.17 -26.02
C3 VP8 C . 0.45 -32.14 -26.80
C3 VP8 C . 0.53 -32.16 -26.86
C2 VP8 C . -0.11 -31.90 -28.04
C2 VP8 C . -0.05 -31.76 -28.07
O2 VP8 C . 0.66 -27.86 -29.77
O2 VP8 C . 1.60 -27.22 -27.79
B VP8 C . 0.79 -28.21 -28.47
B VP8 C . 0.51 -27.96 -27.77
C VP8 C . 0.54 -29.58 -27.88
C VP8 C . 0.46 -29.45 -27.53
O VP8 C . 1.70 -31.32 -24.90
O VP8 C . 1.80 -31.49 -24.88
#